data_7UET
#
_entry.id   7UET
#
_cell.length_a   98.147
_cell.length_b   98.147
_cell.length_c   69.115
_cell.angle_alpha   90.000
_cell.angle_beta   90.000
_cell.angle_gamma   120.000
#
_symmetry.space_group_name_H-M   'P 31 2 1'
#
loop_
_entity.id
_entity.type
_entity.pdbx_description
1 polymer 'Pantothenate kinase 3'
2 non-polymer N-(4-{2-[4-(6-chloropyridazin-3-yl)piperazin-1-yl]-2-oxoethyl}phenyl)methanesulfonamide
3 non-polymer 'PHOSPHOAMINOPHOSPHONIC ACID-ADENYLATE ESTER'
4 non-polymer 1,2-ETHANEDIOL
5 non-polymer 'MAGNESIUM ION'
6 water water
#
_entity_poly.entity_id   1
_entity_poly.type   'polypeptide(L)'
_entity_poly.pdbx_seq_one_letter_code
;MGSSHHHHHHSSGLVPRGSPWFGMDIGGTLVKLSYFEPIDITAEEEQEEVESLKSIRKYLTSNVAYGSTGIRDVHLELKD
LTLFGRRGNLHFIRFPTQDLPTFIQMGRDKNFSTLQTVLCATGGGAYKFEKDFRTIGNLHLHKLDELDCLVKGLLYIDSV
SFNGQAECYYFANASEPERCQKMPFNLDDPYPLLVVNIGSGVSILAVHSKDNYKRVTGTSLGGGTFLGLCSLLTGCESFE
EALEMASKGDSTQADKLVRDIYGGDYERFGLPGWAVASSFGNMIYKEKRESVSKEDLARATLVTITNNIGSVARMCAVNE
KINRVVFVGNFLRVNTLSMKLLAYALDYWSKGQLKALFLEHEGYFGAVGALLGLPNFSDD
;
_entity_poly.pdbx_strand_id   A
#
# COMPACT_ATOMS: atom_id res chain seq x y z
N SER A 19 -6.59 -13.06 25.54
CA SER A 19 -7.02 -12.79 24.17
C SER A 19 -5.84 -12.36 23.30
N PRO A 20 -5.78 -12.85 22.07
CA PRO A 20 -4.69 -12.47 21.17
C PRO A 20 -4.78 -11.01 20.78
N TRP A 21 -3.61 -10.41 20.52
CA TRP A 21 -3.49 -9.00 20.17
C TRP A 21 -3.45 -8.89 18.66
N PHE A 22 -4.54 -8.40 18.06
CA PHE A 22 -4.65 -8.30 16.58
C PHE A 22 -5.05 -6.87 16.20
N GLY A 23 -4.57 -6.41 15.05
CA GLY A 23 -5.01 -5.11 14.51
C GLY A 23 -5.52 -5.40 13.11
N MET A 24 -6.69 -4.92 12.69
CA MET A 24 -7.23 -5.31 11.38
C MET A 24 -7.64 -4.07 10.61
N ASP A 25 -7.26 -4.02 9.34
CA ASP A 25 -7.66 -2.96 8.42
C ASP A 25 -8.44 -3.63 7.28
N ILE A 26 -9.75 -3.43 7.26
CA ILE A 26 -10.60 -4.06 6.26
C ILE A 26 -10.83 -3.03 5.17
N GLY A 27 -10.10 -3.15 4.07
CA GLY A 27 -10.21 -2.22 2.97
C GLY A 27 -11.25 -2.64 1.93
N GLY A 28 -11.37 -1.80 0.89
CA GLY A 28 -12.26 -2.13 -0.21
C GLY A 28 -11.86 -3.38 -0.97
N THR A 29 -10.55 -3.71 -0.96
CA THR A 29 -10.04 -4.86 -1.70
C THR A 29 -9.39 -5.90 -0.80
N LEU A 30 -8.52 -5.49 0.13
CA LEU A 30 -7.76 -6.43 0.97
C LEU A 30 -8.01 -6.18 2.44
N VAL A 31 -8.00 -7.26 3.21
CA VAL A 31 -7.94 -7.19 4.66
C VAL A 31 -6.48 -7.34 5.07
N LYS A 32 -6.01 -6.43 5.90
CA LYS A 32 -4.65 -6.52 6.43
C LYS A 32 -4.73 -6.76 7.92
N LEU A 33 -3.89 -7.67 8.41
CA LEU A 33 -3.93 -8.10 9.79
C LEU A 33 -2.54 -8.04 10.37
N SER A 34 -2.38 -7.38 11.50
CA SER A 34 -1.14 -7.40 12.27
C SER A 34 -1.38 -8.21 13.53
N TYR A 35 -0.50 -9.16 13.79
CA TYR A 35 -0.66 -10.08 14.92
C TYR A 35 0.62 -10.07 15.73
N PHE A 36 0.50 -9.83 17.04
CA PHE A 36 1.64 -9.82 17.95
C PHE A 36 1.72 -11.17 18.63
N GLU A 37 2.79 -11.91 18.34
CA GLU A 37 3.02 -13.21 18.95
C GLU A 37 3.97 -13.02 20.14
N PRO A 38 3.53 -13.22 21.38
CA PRO A 38 4.46 -13.08 22.51
C PRO A 38 5.50 -14.19 22.50
N ILE A 39 6.73 -13.84 22.82
CA ILE A 39 7.83 -14.79 22.86
C ILE A 39 8.43 -14.92 24.25
N ASP A 40 7.89 -14.22 25.23
CA ASP A 40 8.37 -14.28 26.61
C ASP A 40 7.36 -15.01 27.50
N ILE A 41 6.80 -16.09 26.98
CA ILE A 41 5.75 -16.83 27.67
C ILE A 41 6.42 -17.66 28.77
N THR A 42 6.11 -17.34 30.02
CA THR A 42 6.68 -18.06 31.15
C THR A 42 6.02 -19.45 31.28
N ALA A 43 6.56 -20.25 32.20
CA ALA A 43 6.02 -21.58 32.45
C ALA A 43 4.57 -21.52 32.92
N GLU A 44 4.26 -20.61 33.85
CA GLU A 44 2.90 -20.52 34.38
C GLU A 44 1.93 -19.93 33.36
N GLU A 45 2.39 -18.97 32.54
CA GLU A 45 1.49 -18.40 31.54
C GLU A 45 1.08 -19.44 30.52
N GLU A 46 1.99 -20.35 30.17
CA GLU A 46 1.68 -21.36 29.16
C GLU A 46 0.65 -22.36 29.68
N GLN A 47 0.73 -22.74 30.96
CA GLN A 47 -0.30 -23.58 31.55
C GLN A 47 -1.67 -22.88 31.50
N GLU A 48 -1.75 -21.69 32.07
CA GLU A 48 -3.00 -20.96 32.17
C GLU A 48 -3.43 -20.33 30.83
N GLU A 49 -3.22 -21.04 29.74
CA GLU A 49 -3.68 -20.61 28.42
C GLU A 49 -4.61 -21.67 27.85
N VAL A 50 -5.71 -21.23 27.27
CA VAL A 50 -6.74 -22.16 26.80
C VAL A 50 -6.32 -22.73 25.45
N GLU A 51 -6.68 -24.00 25.23
CA GLU A 51 -6.27 -24.72 24.03
C GLU A 51 -6.66 -23.98 22.77
N SER A 52 -7.81 -23.28 22.80
CA SER A 52 -8.22 -22.50 21.63
C SER A 52 -7.20 -21.42 21.32
N LEU A 53 -6.67 -20.76 22.35
CA LEU A 53 -5.66 -19.73 22.11
C LEU A 53 -4.35 -20.34 21.60
N LYS A 54 -3.97 -21.50 22.15
CA LYS A 54 -2.76 -22.17 21.67
C LYS A 54 -2.93 -22.63 20.24
N SER A 55 -4.11 -23.14 19.87
CA SER A 55 -4.35 -23.55 18.50
C SER A 55 -4.24 -22.37 17.54
N ILE A 56 -4.77 -21.21 17.94
CA ILE A 56 -4.65 -20.01 17.10
C ILE A 56 -3.19 -19.66 16.89
N ARG A 57 -2.43 -19.57 17.98
CA ARG A 57 -1.03 -19.16 17.88
C ARG A 57 -0.24 -20.13 17.00
N LYS A 58 -0.42 -21.43 17.22
CA LYS A 58 0.31 -22.42 16.44
C LYS A 58 -0.12 -22.41 14.97
N TYR A 59 -1.42 -22.24 14.72
CA TYR A 59 -1.91 -22.18 13.34
C TYR A 59 -1.28 -21.02 12.58
N LEU A 60 -1.18 -19.87 13.24
CA LEU A 60 -0.68 -18.66 12.59
C LEU A 60 0.84 -18.69 12.40
N THR A 61 1.57 -19.24 13.36
CA THR A 61 3.03 -19.24 13.28
C THR A 61 3.63 -20.44 12.54
N SER A 62 2.84 -21.49 12.29
CA SER A 62 3.36 -22.66 11.59
C SER A 62 2.89 -22.74 10.14
N ASN A 63 2.06 -21.81 9.69
CA ASN A 63 1.60 -21.75 8.32
C ASN A 63 1.96 -20.41 7.71
N VAL A 64 2.31 -20.43 6.43
CA VAL A 64 2.55 -19.21 5.66
C VAL A 64 1.40 -18.92 4.71
N ALA A 65 0.59 -19.92 4.35
CA ALA A 65 -0.64 -19.75 3.62
C ALA A 65 -1.79 -20.20 4.51
N TYR A 66 -2.90 -19.47 4.49
CA TYR A 66 -4.05 -19.77 5.33
C TYR A 66 -5.23 -20.01 4.40
N GLY A 67 -5.76 -21.22 4.40
CA GLY A 67 -6.77 -21.52 3.41
C GLY A 67 -6.23 -21.32 2.00
N SER A 68 -7.12 -20.92 1.11
CA SER A 68 -6.72 -20.73 -0.28
C SER A 68 -6.28 -19.32 -0.61
N THR A 69 -6.59 -18.32 0.23
CA THR A 69 -6.31 -16.94 -0.16
C THR A 69 -5.58 -16.11 0.90
N GLY A 70 -5.30 -16.65 2.08
CA GLY A 70 -4.57 -15.90 3.09
C GLY A 70 -3.07 -16.12 2.95
N ILE A 71 -2.31 -15.06 3.19
CA ILE A 71 -0.85 -15.10 3.06
C ILE A 71 -0.23 -14.35 4.23
N ARG A 72 0.77 -14.94 4.84
CA ARG A 72 1.62 -14.24 5.79
C ARG A 72 2.88 -13.76 5.08
N ASP A 73 3.13 -12.45 5.17
CA ASP A 73 4.30 -11.83 4.54
C ASP A 73 5.47 -12.00 5.52
N VAL A 74 6.12 -13.16 5.45
CA VAL A 74 7.14 -13.52 6.44
C VAL A 74 8.31 -12.53 6.46
N HIS A 75 8.68 -12.00 5.30
CA HIS A 75 9.85 -11.13 5.22
C HIS A 75 9.64 -9.79 5.93
N LEU A 76 8.40 -9.41 6.21
CA LEU A 76 8.10 -8.17 6.91
C LEU A 76 8.08 -8.30 8.42
N GLU A 77 8.20 -9.51 8.95
CA GLU A 77 8.07 -9.74 10.38
C GLU A 77 9.07 -8.89 11.18
N LEU A 78 8.58 -8.24 12.24
CA LEU A 78 9.44 -7.54 13.18
C LEU A 78 9.70 -8.45 14.36
N LYS A 79 10.97 -8.79 14.59
CA LYS A 79 11.33 -9.78 15.58
C LYS A 79 11.74 -9.09 16.88
N ASP A 80 11.29 -9.65 18.00
CA ASP A 80 11.72 -9.22 19.33
C ASP A 80 11.35 -7.76 19.57
N LEU A 81 10.14 -7.40 19.16
CA LEU A 81 9.58 -6.09 19.44
C LEU A 81 9.04 -6.07 20.86
N THR A 82 9.24 -4.95 21.56
CA THR A 82 8.64 -4.73 22.87
C THR A 82 7.38 -3.91 22.69
N LEU A 83 6.23 -4.53 22.92
CA LEU A 83 4.94 -3.87 22.74
C LEU A 83 4.08 -4.12 23.95
N PHE A 84 3.48 -3.06 24.49
CA PHE A 84 2.65 -3.14 25.70
C PHE A 84 3.36 -3.89 26.82
N GLY A 85 4.67 -3.66 26.94
CA GLY A 85 5.44 -4.26 28.01
C GLY A 85 5.78 -5.73 27.84
N ARG A 86 5.51 -6.32 26.68
CA ARG A 86 5.86 -7.71 26.39
C ARG A 86 6.77 -7.74 25.18
N ARG A 87 7.64 -8.74 25.13
CA ARG A 87 8.46 -8.99 23.95
C ARG A 87 7.74 -9.98 23.05
N GLY A 88 7.80 -9.74 21.75
CA GLY A 88 7.19 -10.67 20.82
C GLY A 88 7.57 -10.33 19.40
N ASN A 89 6.96 -11.07 18.48
CA ASN A 89 7.16 -10.85 17.05
C ASN A 89 5.88 -10.28 16.47
N LEU A 90 6.01 -9.25 15.63
CA LEU A 90 4.86 -8.67 14.95
C LEU A 90 4.76 -9.25 13.55
N HIS A 91 3.65 -9.93 13.26
CA HIS A 91 3.42 -10.62 12.01
C HIS A 91 2.43 -9.85 11.14
N PHE A 92 2.53 -10.02 9.82
CA PHE A 92 1.75 -9.25 8.85
C PHE A 92 1.07 -10.21 7.88
N ILE A 93 -0.26 -10.16 7.83
CA ILE A 93 -1.07 -11.16 7.15
C ILE A 93 -2.12 -10.45 6.29
N ARG A 94 -2.39 -10.98 5.10
CA ARG A 94 -3.38 -10.35 4.23
C ARG A 94 -4.26 -11.39 3.55
N PHE A 95 -5.48 -11.00 3.22
CA PHE A 95 -6.38 -11.83 2.44
C PHE A 95 -7.45 -10.92 1.83
N PRO A 96 -8.14 -11.38 0.80
CA PRO A 96 -9.11 -10.50 0.12
C PRO A 96 -10.33 -10.25 0.98
N THR A 97 -10.82 -9.00 0.93
CA THR A 97 -12.05 -8.67 1.65
C THR A 97 -13.21 -9.56 1.24
N GLN A 98 -13.24 -9.97 -0.04
CA GLN A 98 -14.25 -10.92 -0.51
C GLN A 98 -14.32 -12.18 0.34
N ASP A 99 -13.21 -12.61 0.95
CA ASP A 99 -13.22 -13.82 1.75
C ASP A 99 -13.38 -13.56 3.25
N LEU A 100 -13.73 -12.33 3.65
CA LEU A 100 -13.98 -12.09 5.07
C LEU A 100 -15.07 -12.99 5.64
N PRO A 101 -16.15 -13.35 4.92
CA PRO A 101 -17.09 -14.32 5.49
C PRO A 101 -16.42 -15.62 5.93
N THR A 102 -15.48 -16.14 5.15
CA THR A 102 -14.74 -17.32 5.59
C THR A 102 -13.98 -17.07 6.89
N PHE A 103 -13.30 -15.93 6.98
CA PHE A 103 -12.56 -15.58 8.19
C PHE A 103 -13.48 -15.53 9.40
N ILE A 104 -14.63 -14.88 9.27
CA ILE A 104 -15.56 -14.76 10.39
C ILE A 104 -16.15 -16.12 10.75
N GLN A 105 -16.47 -16.93 9.73
CA GLN A 105 -17.00 -18.27 10.01
C GLN A 105 -15.99 -19.13 10.75
N MET A 106 -14.72 -19.06 10.38
CA MET A 106 -13.67 -19.75 11.14
C MET A 106 -13.62 -19.23 12.57
N GLY A 107 -13.77 -17.92 12.76
CA GLY A 107 -13.75 -17.36 14.09
C GLY A 107 -14.92 -17.81 14.96
N ARG A 108 -16.05 -18.15 14.34
CA ARG A 108 -17.22 -18.58 15.11
C ARG A 108 -17.14 -20.04 15.54
N ASP A 109 -16.42 -20.88 14.80
CA ASP A 109 -16.36 -22.30 15.12
C ASP A 109 -15.00 -22.70 15.68
N THR A 117 -12.70 -11.63 23.45
CA THR A 117 -11.63 -10.99 22.68
C THR A 117 -12.08 -9.61 22.18
N VAL A 118 -11.12 -8.70 22.07
CA VAL A 118 -11.39 -7.31 21.68
C VAL A 118 -10.68 -7.07 20.36
N LEU A 119 -11.42 -6.58 19.37
CA LEU A 119 -10.87 -6.42 18.03
C LEU A 119 -10.87 -4.94 17.68
N CYS A 120 -9.66 -4.39 17.53
CA CYS A 120 -9.48 -3.05 17.00
C CYS A 120 -9.42 -3.16 15.48
N ALA A 121 -10.36 -2.52 14.79
CA ALA A 121 -10.53 -2.65 13.36
C ALA A 121 -10.68 -1.27 12.73
N THR A 122 -10.09 -1.10 11.54
CA THR A 122 -10.19 0.16 10.84
C THR A 122 -10.49 -0.14 9.38
N GLY A 123 -10.45 0.88 8.53
CA GLY A 123 -10.89 0.73 7.15
C GLY A 123 -12.41 0.80 7.05
N GLY A 124 -12.89 0.97 5.81
CA GLY A 124 -14.33 1.01 5.60
C GLY A 124 -15.06 -0.22 6.09
N GLY A 125 -14.43 -1.39 6.01
CA GLY A 125 -15.08 -2.62 6.41
C GLY A 125 -15.34 -2.74 7.89
N ALA A 126 -14.64 -1.96 8.72
CA ALA A 126 -14.95 -1.94 10.14
C ALA A 126 -16.37 -1.47 10.38
N TYR A 127 -16.86 -0.56 9.54
CA TYR A 127 -18.25 -0.11 9.57
C TYR A 127 -19.17 -1.05 8.79
N LYS A 128 -18.78 -1.36 7.55
CA LYS A 128 -19.66 -2.16 6.69
C LYS A 128 -19.93 -3.53 7.29
N PHE A 129 -18.92 -4.17 7.90
CA PHE A 129 -19.09 -5.52 8.42
C PHE A 129 -19.19 -5.56 9.94
N GLU A 130 -19.50 -4.43 10.56
CA GLU A 130 -19.66 -4.38 12.02
C GLU A 130 -20.59 -5.48 12.54
N LYS A 131 -21.78 -5.60 11.92
CA LYS A 131 -22.77 -6.57 12.42
C LYS A 131 -22.27 -8.00 12.23
N ASP A 132 -21.45 -8.23 11.20
CA ASP A 132 -20.91 -9.57 10.95
C ASP A 132 -19.90 -9.95 12.03
N PHE A 133 -19.01 -9.02 12.39
CA PHE A 133 -18.08 -9.30 13.47
C PHE A 133 -18.81 -9.56 14.77
N ARG A 134 -19.96 -8.94 14.98
CA ARG A 134 -20.67 -9.15 16.23
C ARG A 134 -21.42 -10.48 16.28
N THR A 135 -21.44 -11.26 15.19
CA THR A 135 -21.92 -12.65 15.27
C THR A 135 -20.96 -13.54 16.06
N ILE A 136 -19.74 -13.07 16.31
CA ILE A 136 -18.81 -13.78 17.19
C ILE A 136 -19.20 -13.41 18.62
N GLY A 137 -19.68 -14.39 19.37
CA GLY A 137 -20.18 -14.15 20.71
C GLY A 137 -19.21 -13.38 21.60
N ASN A 138 -19.74 -12.38 22.30
CA ASN A 138 -19.04 -11.56 23.29
C ASN A 138 -17.92 -10.73 22.69
N LEU A 139 -17.62 -10.85 21.40
CA LEU A 139 -16.55 -10.06 20.80
C LEU A 139 -16.86 -8.58 20.92
N HIS A 140 -15.86 -7.81 21.36
CA HIS A 140 -15.98 -6.35 21.43
C HIS A 140 -15.23 -5.77 20.24
N LEU A 141 -15.97 -5.08 19.38
CA LEU A 141 -15.42 -4.49 18.17
C LEU A 141 -15.26 -3.00 18.42
N HIS A 142 -14.04 -2.49 18.19
CA HIS A 142 -13.77 -1.07 18.36
C HIS A 142 -13.32 -0.51 17.02
N LYS A 143 -14.16 0.33 16.43
CA LYS A 143 -13.87 0.91 15.13
C LYS A 143 -12.96 2.12 15.31
N LEU A 144 -11.91 2.20 14.50
CA LEU A 144 -10.95 3.30 14.54
C LEU A 144 -10.81 3.87 13.13
N ASP A 145 -10.51 5.17 13.05
CA ASP A 145 -10.51 5.83 11.75
C ASP A 145 -9.32 5.41 10.90
N GLU A 146 -9.58 5.18 9.60
CA GLU A 146 -8.59 4.54 8.73
C GLU A 146 -7.37 5.43 8.51
N LEU A 147 -7.55 6.74 8.53
CA LEU A 147 -6.40 7.62 8.32
C LEU A 147 -5.66 7.94 9.64
N ASP A 148 -6.38 8.02 10.77
CA ASP A 148 -5.71 8.06 12.07
C ASP A 148 -4.80 6.86 12.27
N CYS A 149 -5.30 5.66 11.92
CA CYS A 149 -4.52 4.44 12.09
C CYS A 149 -3.32 4.40 11.17
N LEU A 150 -3.50 4.88 9.93
CA LEU A 150 -2.39 4.95 8.98
C LEU A 150 -1.26 5.81 9.55
N VAL A 151 -1.58 7.01 10.01
CA VAL A 151 -0.55 7.91 10.52
C VAL A 151 0.14 7.31 11.74
N LYS A 152 -0.65 6.79 12.69
CA LYS A 152 -0.07 6.22 13.89
C LYS A 152 0.82 5.02 13.59
N GLY A 153 0.37 4.13 12.69
CA GLY A 153 1.16 2.95 12.37
C GLY A 153 2.42 3.27 11.60
N LEU A 154 2.33 4.22 10.66
CA LEU A 154 3.50 4.65 9.91
C LEU A 154 4.57 5.24 10.83
N LEU A 155 4.16 6.13 11.74
CA LEU A 155 5.11 6.74 12.64
C LEU A 155 5.71 5.71 13.59
N TYR A 156 4.91 4.72 14.03
CA TYR A 156 5.41 3.72 14.96
C TYR A 156 6.46 2.82 14.30
N ILE A 157 6.15 2.28 13.12
CA ILE A 157 7.06 1.36 12.46
C ILE A 157 8.37 2.06 12.12
N ASP A 158 8.28 3.28 11.58
CA ASP A 158 9.52 4.02 11.34
C ASP A 158 10.32 4.18 12.62
N SER A 159 9.64 4.38 13.76
CA SER A 159 10.34 4.63 15.01
C SER A 159 11.09 3.40 15.50
N VAL A 160 10.49 2.21 15.37
CA VAL A 160 11.15 1.01 15.90
C VAL A 160 12.14 0.40 14.91
N SER A 161 12.10 0.82 13.64
CA SER A 161 12.95 0.36 12.55
C SER A 161 12.52 -1.01 12.03
N PHE A 162 13.03 -1.38 10.86
CA PHE A 162 12.77 -2.68 10.25
C PHE A 162 13.91 -3.63 10.65
N ASN A 163 13.80 -4.16 11.87
CA ASN A 163 14.82 -5.02 12.46
C ASN A 163 16.21 -4.39 12.35
N GLY A 164 16.29 -3.10 12.69
CA GLY A 164 17.54 -2.38 12.66
C GLY A 164 17.86 -1.70 11.34
N GLN A 165 17.17 -2.05 10.27
CA GLN A 165 17.31 -1.36 9.00
C GLN A 165 16.28 -0.26 8.87
N ALA A 166 16.53 0.66 7.94
CA ALA A 166 15.58 1.74 7.69
C ALA A 166 14.24 1.22 7.16
N GLU A 167 13.15 1.77 7.71
CA GLU A 167 11.85 1.47 7.15
C GLU A 167 11.61 2.24 5.85
N CYS A 168 12.26 3.39 5.69
CA CYS A 168 11.95 4.30 4.60
C CYS A 168 13.12 4.29 3.61
N TYR A 169 12.80 4.31 2.32
CA TYR A 169 13.85 4.31 1.30
C TYR A 169 13.40 5.17 0.11
N TYR A 170 14.37 5.53 -0.73
CA TYR A 170 14.08 6.24 -1.97
C TYR A 170 14.96 5.64 -3.06
N PHE A 171 14.75 6.07 -4.31
CA PHE A 171 15.60 5.64 -5.41
C PHE A 171 16.58 6.76 -5.75
N ALA A 172 17.86 6.53 -5.45
CA ALA A 172 18.89 7.51 -5.69
C ALA A 172 19.14 7.65 -7.19
N ASN A 173 19.36 8.90 -7.63
CA ASN A 173 19.63 9.19 -9.03
C ASN A 173 18.58 8.54 -9.93
N ALA A 174 17.32 8.82 -9.63
CA ALA A 174 16.18 8.15 -10.27
C ALA A 174 16.05 8.48 -11.76
N SER A 175 16.88 9.40 -12.26
CA SER A 175 16.82 9.77 -13.67
C SER A 175 17.74 8.94 -14.56
N GLU A 176 18.73 8.26 -13.99
CA GLU A 176 19.70 7.50 -14.79
C GLU A 176 19.65 6.02 -14.42
N PRO A 177 19.23 5.14 -15.35
CA PRO A 177 19.01 3.73 -14.96
C PRO A 177 20.28 2.98 -14.61
N GLU A 178 21.43 3.36 -15.19
CA GLU A 178 22.69 2.74 -14.81
C GLU A 178 23.07 3.06 -13.38
N ARG A 179 22.51 4.12 -12.80
CA ARG A 179 22.82 4.53 -11.44
C ARG A 179 21.69 4.29 -10.45
N CYS A 180 20.44 4.31 -10.91
CA CYS A 180 19.27 4.26 -10.05
C CYS A 180 19.30 3.05 -9.13
N GLN A 181 19.24 3.30 -7.81
CA GLN A 181 19.29 2.22 -6.83
C GLN A 181 18.54 2.62 -5.57
N LYS A 182 17.92 1.63 -4.95
CA LYS A 182 17.25 1.79 -3.66
C LYS A 182 18.25 2.20 -2.58
N MET A 183 17.91 3.23 -1.81
CA MET A 183 18.77 3.73 -0.73
C MET A 183 17.94 4.13 0.48
N PRO A 184 18.47 3.98 1.69
CA PRO A 184 17.67 4.30 2.88
C PRO A 184 17.50 5.80 3.06
N PHE A 185 16.40 6.18 3.73
CA PHE A 185 16.06 7.57 3.98
C PHE A 185 15.68 7.74 5.44
N ASN A 186 16.22 8.78 6.09
CA ASN A 186 15.96 9.00 7.51
C ASN A 186 14.72 9.86 7.69
N LEU A 187 13.76 9.35 8.48
CA LEU A 187 12.56 10.07 8.87
C LEU A 187 12.52 10.34 10.37
N ASP A 188 13.68 10.62 10.98
CA ASP A 188 13.71 10.86 12.42
C ASP A 188 12.88 12.09 12.79
N ASP A 189 12.94 13.15 11.97
CA ASP A 189 12.07 14.31 12.11
C ASP A 189 11.12 14.25 10.93
N PRO A 190 9.99 13.56 11.05
CA PRO A 190 9.17 13.25 9.87
C PRO A 190 8.26 14.38 9.41
N TYR A 191 8.23 15.51 10.11
CA TYR A 191 7.22 16.48 9.72
C TYR A 191 7.85 17.68 9.04
N PRO A 192 7.16 18.28 8.05
CA PRO A 192 5.86 17.82 7.55
C PRO A 192 6.03 16.68 6.53
N LEU A 193 4.93 16.00 6.20
CA LEU A 193 5.02 14.83 5.33
C LEU A 193 3.73 14.72 4.54
N LEU A 194 3.85 14.47 3.23
CA LEU A 194 2.69 14.17 2.40
C LEU A 194 2.63 12.65 2.21
N VAL A 195 1.53 12.05 2.63
CA VAL A 195 1.35 10.60 2.55
C VAL A 195 0.35 10.33 1.44
N VAL A 196 0.75 9.53 0.45
CA VAL A 196 -0.13 9.17 -0.67
C VAL A 196 -0.46 7.69 -0.53
N ASN A 197 -1.71 7.41 -0.17
CA ASN A 197 -2.18 6.06 0.15
C ASN A 197 -2.90 5.50 -1.08
N ILE A 198 -2.23 4.61 -1.80
CA ILE A 198 -2.75 4.07 -3.05
C ILE A 198 -3.33 2.69 -2.74
N GLY A 199 -4.64 2.62 -2.52
CA GLY A 199 -5.33 1.36 -2.32
C GLY A 199 -6.29 1.12 -3.48
N SER A 200 -7.55 0.79 -3.18
CA SER A 200 -8.58 0.74 -4.21
C SER A 200 -8.65 2.08 -4.95
N GLY A 201 -8.77 3.17 -4.20
CA GLY A 201 -8.57 4.53 -4.67
C GLY A 201 -7.32 5.14 -4.08
N VAL A 202 -7.26 6.47 -4.09
CA VAL A 202 -6.09 7.17 -3.56
C VAL A 202 -6.55 8.22 -2.55
N SER A 203 -5.97 8.21 -1.36
CA SER A 203 -6.12 9.29 -0.40
C SER A 203 -4.79 10.00 -0.20
N ILE A 204 -4.83 11.32 -0.07
CA ILE A 204 -3.63 12.13 0.11
C ILE A 204 -3.73 12.88 1.42
N LEU A 205 -2.75 12.68 2.30
CA LEU A 205 -2.73 13.24 3.64
C LEU A 205 -1.57 14.22 3.77
N ALA A 206 -1.80 15.32 4.49
CA ALA A 206 -0.73 16.22 4.90
C ALA A 206 -0.55 16.05 6.41
N VAL A 207 0.63 15.60 6.82
CA VAL A 207 0.90 15.31 8.23
C VAL A 207 1.86 16.40 8.71
N HIS A 208 1.38 17.22 9.65
CA HIS A 208 2.18 18.31 10.19
C HIS A 208 2.76 18.01 11.55
N SER A 209 2.11 17.17 12.33
CA SER A 209 2.63 16.69 13.61
C SER A 209 1.95 15.37 13.93
N LYS A 210 2.31 14.78 15.08
CA LYS A 210 1.78 13.48 15.45
C LYS A 210 0.27 13.51 15.66
N ASP A 211 -0.30 14.67 15.94
CA ASP A 211 -1.74 14.80 16.16
C ASP A 211 -2.40 15.81 15.23
N ASN A 212 -1.67 16.31 14.23
CA ASN A 212 -2.17 17.35 13.33
C ASN A 212 -1.95 16.90 11.90
N TYR A 213 -3.02 16.45 11.25
CA TYR A 213 -2.94 16.00 9.87
C TYR A 213 -4.32 16.16 9.25
N LYS A 214 -4.35 16.25 7.93
CA LYS A 214 -5.58 16.47 7.18
C LYS A 214 -5.55 15.63 5.91
N ARG A 215 -6.74 15.19 5.49
CA ARG A 215 -6.90 14.55 4.19
C ARG A 215 -7.04 15.66 3.15
N VAL A 216 -5.97 15.90 2.39
CA VAL A 216 -5.94 17.05 1.47
C VAL A 216 -6.96 16.85 0.36
N THR A 217 -6.97 15.67 -0.24
CA THR A 217 -7.92 15.30 -1.28
C THR A 217 -7.74 13.81 -1.53
N GLY A 218 -8.36 13.33 -2.61
CA GLY A 218 -8.14 11.97 -3.07
C GLY A 218 -8.40 11.91 -4.55
N THR A 219 -8.13 10.75 -5.15
CA THR A 219 -8.54 10.52 -6.53
C THR A 219 -9.07 9.09 -6.62
N SER A 220 -10.05 8.89 -7.50
CA SER A 220 -10.59 7.56 -7.67
C SER A 220 -9.82 6.75 -8.70
N LEU A 221 -8.75 7.30 -9.27
CA LEU A 221 -7.86 6.56 -10.18
C LEU A 221 -6.74 5.91 -9.37
N GLY A 222 -7.02 4.73 -8.82
CA GLY A 222 -6.08 4.07 -7.94
C GLY A 222 -5.81 2.64 -8.35
N GLY A 223 -5.43 1.83 -7.35
CA GLY A 223 -5.09 0.45 -7.64
C GLY A 223 -6.24 -0.36 -8.20
N GLY A 224 -7.47 -0.08 -7.76
CA GLY A 224 -8.61 -0.81 -8.29
C GLY A 224 -8.89 -0.47 -9.74
N THR A 225 -8.56 0.77 -10.15
CA THR A 225 -8.65 1.16 -11.55
C THR A 225 -7.65 0.39 -12.39
N PHE A 226 -6.41 0.32 -11.92
CA PHE A 226 -5.41 -0.47 -12.63
C PHE A 226 -5.89 -1.90 -12.83
N LEU A 227 -6.28 -2.57 -11.74
CA LEU A 227 -6.66 -3.98 -11.83
C LEU A 227 -7.96 -4.16 -12.60
N GLY A 228 -8.93 -3.27 -12.40
CA GLY A 228 -10.21 -3.41 -13.10
C GLY A 228 -10.07 -3.20 -14.60
N LEU A 229 -9.39 -2.12 -14.99
CA LEU A 229 -9.20 -1.86 -16.42
C LEU A 229 -8.33 -2.90 -17.07
N CYS A 230 -7.26 -3.32 -16.38
CA CYS A 230 -6.41 -4.38 -16.90
C CYS A 230 -7.21 -5.64 -17.18
N SER A 231 -8.08 -6.03 -16.24
CA SER A 231 -8.87 -7.24 -16.44
C SER A 231 -9.81 -7.11 -17.62
N LEU A 232 -10.46 -5.95 -17.76
CA LEU A 232 -11.32 -5.71 -18.91
C LEU A 232 -10.54 -5.76 -20.22
N LEU A 233 -9.35 -5.15 -20.24
CA LEU A 233 -8.61 -4.98 -21.49
C LEU A 233 -7.80 -6.22 -21.86
N THR A 234 -7.29 -6.95 -20.89
CA THR A 234 -6.35 -8.03 -21.17
C THR A 234 -6.85 -9.40 -20.73
N GLY A 235 -7.90 -9.48 -19.91
CA GLY A 235 -8.34 -10.76 -19.42
C GLY A 235 -7.50 -11.34 -18.31
N CYS A 236 -6.58 -10.56 -17.74
CA CYS A 236 -5.80 -11.06 -16.62
C CYS A 236 -6.70 -11.31 -15.43
N GLU A 237 -6.32 -12.26 -14.57
CA GLU A 237 -7.17 -12.58 -13.44
C GLU A 237 -6.41 -12.53 -12.12
N SER A 238 -5.30 -11.80 -12.07
CA SER A 238 -4.66 -11.50 -10.79
C SER A 238 -3.83 -10.25 -10.95
N PHE A 239 -3.66 -9.55 -9.83
CA PHE A 239 -2.75 -8.41 -9.76
C PHE A 239 -1.37 -8.78 -10.28
N GLU A 240 -0.82 -9.90 -9.80
CA GLU A 240 0.52 -10.29 -10.21
C GLU A 240 0.61 -10.58 -11.70
N GLU A 241 -0.43 -11.21 -12.28
CA GLU A 241 -0.43 -11.44 -13.72
C GLU A 241 -0.50 -10.13 -14.49
N ALA A 242 -1.28 -9.17 -14.01
CA ALA A 242 -1.33 -7.86 -14.66
C ALA A 242 0.05 -7.20 -14.68
N LEU A 243 0.79 -7.29 -13.57
CA LEU A 243 2.13 -6.71 -13.52
C LEU A 243 3.09 -7.43 -14.45
N GLU A 244 3.00 -8.76 -14.54
CA GLU A 244 3.86 -9.51 -15.44
C GLU A 244 3.59 -9.15 -16.89
N MET A 245 2.31 -9.00 -17.26
CA MET A 245 1.98 -8.52 -18.60
C MET A 245 2.57 -7.14 -18.83
N ALA A 246 2.40 -6.24 -17.87
CA ALA A 246 2.87 -4.87 -18.03
C ALA A 246 4.38 -4.81 -18.17
N SER A 247 5.10 -5.72 -17.50
CA SER A 247 6.56 -5.68 -17.64
C SER A 247 7.00 -6.05 -19.06
N LYS A 248 6.17 -6.76 -19.82
CA LYS A 248 6.51 -7.17 -21.18
C LYS A 248 6.01 -6.19 -22.23
N GLY A 249 5.22 -5.19 -21.84
CA GLY A 249 4.55 -4.34 -22.81
C GLY A 249 5.30 -3.04 -23.14
N ASP A 250 4.79 -2.34 -24.15
CA ASP A 250 5.30 -1.04 -24.58
C ASP A 250 4.10 -0.09 -24.58
N SER A 251 4.03 0.79 -23.58
CA SER A 251 2.86 1.66 -23.45
C SER A 251 2.73 2.65 -24.60
N THR A 252 3.83 2.95 -25.30
CA THR A 252 3.74 3.92 -26.39
C THR A 252 2.97 3.37 -27.59
N GLN A 253 2.71 2.06 -27.63
CA GLN A 253 1.82 1.52 -28.66
C GLN A 253 0.38 1.98 -28.46
N ALA A 254 -0.02 2.25 -27.21
CA ALA A 254 -1.38 2.72 -26.93
C ALA A 254 -1.48 4.21 -26.73
N ASP A 255 -0.46 4.83 -26.13
CA ASP A 255 -0.50 6.26 -25.78
C ASP A 255 -0.06 7.13 -26.94
N LYS A 256 -0.66 8.33 -27.02
CA LYS A 256 -0.21 9.35 -27.97
C LYS A 256 0.80 10.26 -27.25
N LEU A 257 1.99 10.40 -27.80
CA LEU A 257 3.05 11.15 -27.14
C LEU A 257 3.11 12.58 -27.67
N VAL A 258 3.83 13.44 -26.94
CA VAL A 258 4.05 14.80 -27.45
C VAL A 258 4.66 14.77 -28.84
N ARG A 259 5.61 13.86 -29.09
CA ARG A 259 6.22 13.82 -30.41
C ARG A 259 5.27 13.34 -31.49
N ASP A 260 4.22 12.58 -31.14
CA ASP A 260 3.23 12.23 -32.16
C ASP A 260 2.40 13.43 -32.59
N ILE A 261 2.32 14.47 -31.78
CA ILE A 261 1.52 15.65 -32.07
C ILE A 261 2.36 16.77 -32.67
N TYR A 262 3.56 16.99 -32.11
CA TYR A 262 4.46 18.06 -32.52
C TYR A 262 5.57 17.62 -33.47
N GLY A 263 5.83 16.33 -33.57
CA GLY A 263 6.99 15.84 -34.31
C GLY A 263 8.29 15.88 -33.53
N GLY A 264 8.24 16.25 -32.25
CA GLY A 264 9.43 16.45 -31.44
C GLY A 264 8.99 16.98 -30.09
N ASP A 265 9.91 17.68 -29.42
CA ASP A 265 9.54 18.37 -28.19
C ASP A 265 8.57 19.52 -28.47
N TYR A 266 7.76 19.86 -27.46
CA TYR A 266 7.06 21.15 -27.43
C TYR A 266 7.93 22.06 -26.57
N GLU A 267 8.86 22.74 -27.23
CA GLU A 267 9.95 23.43 -26.54
C GLU A 267 9.44 24.56 -25.66
N ARG A 268 8.47 25.32 -26.15
CA ARG A 268 8.03 26.53 -25.48
C ARG A 268 7.61 26.26 -24.04
N PHE A 269 6.99 25.11 -23.75
CA PHE A 269 6.56 24.80 -22.39
C PHE A 269 7.31 23.62 -21.80
N GLY A 270 8.51 23.33 -22.28
CA GLY A 270 9.36 22.32 -21.67
C GLY A 270 8.78 20.92 -21.67
N LEU A 271 7.98 20.57 -22.67
CA LEU A 271 7.42 19.23 -22.74
C LEU A 271 8.30 18.37 -23.64
N PRO A 272 8.95 17.32 -23.14
CA PRO A 272 9.80 16.51 -24.03
C PRO A 272 8.95 15.64 -24.94
N GLY A 273 9.52 15.29 -26.10
CA GLY A 273 8.80 14.47 -27.07
C GLY A 273 8.27 13.18 -26.50
N TRP A 274 8.91 12.63 -25.45
CA TRP A 274 8.53 11.34 -24.90
C TRP A 274 7.39 11.42 -23.89
N ALA A 275 7.03 12.62 -23.43
CA ALA A 275 5.94 12.75 -22.48
C ALA A 275 4.63 12.29 -23.11
N VAL A 276 3.77 11.68 -22.31
CA VAL A 276 2.48 11.24 -22.81
C VAL A 276 1.55 12.45 -22.93
N ALA A 277 1.06 12.72 -24.14
CA ALA A 277 0.07 13.78 -24.32
C ALA A 277 -1.35 13.28 -24.10
N SER A 278 -1.65 12.04 -24.51
CA SER A 278 -2.99 11.52 -24.36
C SER A 278 -2.91 10.02 -24.07
N SER A 279 -3.25 9.62 -22.84
CA SER A 279 -3.20 8.20 -22.48
C SER A 279 -4.23 7.42 -23.28
N PHE A 280 -3.83 6.27 -23.82
CA PHE A 280 -4.65 5.49 -24.76
C PHE A 280 -5.06 6.29 -25.99
N GLY A 281 -4.42 7.44 -26.24
CA GLY A 281 -4.88 8.32 -27.30
C GLY A 281 -4.66 7.76 -28.70
N ASN A 282 -3.70 6.84 -28.86
CA ASN A 282 -3.55 6.18 -30.16
C ASN A 282 -4.62 5.11 -30.41
N MET A 283 -5.41 4.78 -29.40
CA MET A 283 -6.45 3.78 -29.58
C MET A 283 -7.71 4.33 -30.23
N ILE A 284 -7.74 5.61 -30.59
CA ILE A 284 -8.83 6.13 -31.41
C ILE A 284 -8.72 5.67 -32.85
N TYR A 285 -7.60 5.07 -33.23
CA TYR A 285 -7.40 4.61 -34.60
C TYR A 285 -7.63 3.10 -34.65
N LYS A 286 -8.55 2.68 -35.51
CA LYS A 286 -8.95 1.28 -35.54
C LYS A 286 -7.76 0.38 -35.87
N GLU A 287 -6.91 0.80 -36.81
CA GLU A 287 -5.77 -0.04 -37.17
C GLU A 287 -4.81 -0.20 -36.01
N LYS A 288 -4.70 0.80 -35.13
CA LYS A 288 -3.83 0.66 -33.97
C LYS A 288 -4.46 -0.22 -32.89
N ARG A 289 -5.78 -0.15 -32.70
CA ARG A 289 -6.46 -1.08 -31.81
C ARG A 289 -6.28 -2.52 -32.26
N GLU A 290 -6.16 -2.75 -33.56
CA GLU A 290 -6.04 -4.11 -34.08
C GLU A 290 -4.63 -4.68 -33.95
N SER A 291 -3.61 -3.85 -33.71
CA SER A 291 -2.25 -4.34 -33.64
C SER A 291 -1.65 -4.31 -32.24
N VAL A 292 -2.29 -3.62 -31.28
CA VAL A 292 -1.76 -3.50 -29.93
C VAL A 292 -1.88 -4.86 -29.23
N SER A 293 -0.89 -5.17 -28.38
CA SER A 293 -0.94 -6.43 -27.64
C SER A 293 -1.56 -6.20 -26.27
N LYS A 294 -1.99 -7.31 -25.65
CA LYS A 294 -2.46 -7.24 -24.27
C LYS A 294 -1.38 -6.71 -23.33
N GLU A 295 -0.12 -7.11 -23.55
CA GLU A 295 0.96 -6.61 -22.70
C GLU A 295 1.12 -5.10 -22.85
N ASP A 296 0.99 -4.58 -24.08
CA ASP A 296 1.04 -3.13 -24.27
C ASP A 296 -0.08 -2.43 -23.52
N LEU A 297 -1.30 -2.99 -23.56
CA LEU A 297 -2.42 -2.36 -22.86
C LEU A 297 -2.24 -2.42 -21.34
N ALA A 298 -1.69 -3.53 -20.82
CA ALA A 298 -1.41 -3.61 -19.40
C ALA A 298 -0.41 -2.53 -18.99
N ARG A 299 0.66 -2.37 -19.77
CA ARG A 299 1.66 -1.37 -19.44
C ARG A 299 1.09 0.04 -19.55
N ALA A 300 0.26 0.29 -20.57
CA ALA A 300 -0.34 1.62 -20.69
C ALA A 300 -1.28 1.90 -19.51
N THR A 301 -2.00 0.88 -19.05
CA THR A 301 -2.85 1.10 -17.87
C THR A 301 -2.00 1.46 -16.66
N LEU A 302 -0.92 0.71 -16.43
CA LEU A 302 -0.06 0.97 -15.27
C LEU A 302 0.56 2.36 -15.35
N VAL A 303 1.11 2.73 -16.52
CA VAL A 303 1.73 4.04 -16.71
C VAL A 303 0.71 5.15 -16.51
N THR A 304 -0.47 5.00 -17.11
CA THR A 304 -1.53 6.01 -16.97
C THR A 304 -1.88 6.27 -15.50
N ILE A 305 -2.17 5.20 -14.76
CA ILE A 305 -2.56 5.35 -13.35
C ILE A 305 -1.42 5.93 -12.53
N THR A 306 -0.20 5.44 -12.75
CA THR A 306 0.93 5.85 -11.92
C THR A 306 1.29 7.31 -12.16
N ASN A 307 1.39 7.73 -13.43
CA ASN A 307 1.66 9.14 -13.73
C ASN A 307 0.57 10.04 -13.16
N ASN A 308 -0.70 9.62 -13.22
CA ASN A 308 -1.74 10.50 -12.69
C ASN A 308 -1.60 10.66 -11.18
N ILE A 309 -1.27 9.56 -10.48
CA ILE A 309 -1.01 9.64 -9.05
C ILE A 309 0.18 10.55 -8.75
N GLY A 310 1.26 10.39 -9.50
CA GLY A 310 2.42 11.25 -9.28
C GLY A 310 2.10 12.72 -9.49
N SER A 311 1.33 13.03 -10.54
CA SER A 311 1.01 14.41 -10.83
C SER A 311 0.12 15.01 -9.75
N VAL A 312 -0.89 14.26 -9.30
CA VAL A 312 -1.73 14.74 -8.22
C VAL A 312 -0.92 14.94 -6.94
N ALA A 313 0.00 13.99 -6.65
CA ALA A 313 0.87 14.15 -5.48
C ALA A 313 1.70 15.42 -5.59
N ARG A 314 2.26 15.69 -6.77
CA ARG A 314 3.10 16.87 -6.93
C ARG A 314 2.29 18.15 -6.72
N MET A 315 1.08 18.22 -7.28
CA MET A 315 0.27 19.43 -7.08
C MET A 315 -0.09 19.64 -5.62
N CYS A 316 -0.44 18.56 -4.91
CA CYS A 316 -0.74 18.67 -3.48
C CYS A 316 0.49 19.09 -2.69
N ALA A 317 1.65 18.50 -3.03
CA ALA A 317 2.88 18.88 -2.35
C ALA A 317 3.18 20.37 -2.53
N VAL A 318 3.02 20.88 -3.75
CA VAL A 318 3.29 22.29 -3.99
C VAL A 318 2.30 23.15 -3.21
N ASN A 319 1.03 22.75 -3.18
CA ASN A 319 0.03 23.55 -2.47
C ASN A 319 0.22 23.46 -0.96
N GLU A 320 0.59 22.29 -0.44
CA GLU A 320 0.80 22.15 0.99
C GLU A 320 2.18 22.64 1.43
N LYS A 321 3.05 22.98 0.48
CA LYS A 321 4.42 23.44 0.78
C LYS A 321 5.19 22.35 1.53
N ILE A 322 5.07 21.12 1.02
CA ILE A 322 5.74 19.94 1.59
C ILE A 322 6.60 19.36 0.48
N ASN A 323 7.85 19.01 0.81
CA ASN A 323 8.75 18.49 -0.22
C ASN A 323 9.07 17.01 -0.10
N ARG A 324 8.57 16.33 0.93
CA ARG A 324 8.76 14.89 1.09
C ARG A 324 7.43 14.18 0.91
N VAL A 325 7.37 13.28 -0.07
CA VAL A 325 6.15 12.62 -0.47
C VAL A 325 6.37 11.12 -0.31
N VAL A 326 5.64 10.50 0.61
CA VAL A 326 5.77 9.08 0.85
C VAL A 326 4.54 8.36 0.29
N PHE A 327 4.77 7.29 -0.45
CA PHE A 327 3.73 6.51 -1.11
C PHE A 327 3.55 5.19 -0.37
N VAL A 328 2.32 4.87 0.02
CA VAL A 328 1.99 3.64 0.72
C VAL A 328 0.80 2.98 0.04
N GLY A 329 0.36 1.85 0.60
CA GLY A 329 -0.74 1.08 0.06
C GLY A 329 -0.24 -0.08 -0.79
N ASN A 330 -1.14 -1.00 -1.11
CA ASN A 330 -0.70 -2.23 -1.75
C ASN A 330 -0.65 -2.16 -3.27
N PHE A 331 -1.06 -1.05 -3.90
CA PHE A 331 -0.82 -0.92 -5.33
C PHE A 331 0.67 -1.06 -5.66
N LEU A 332 1.55 -0.71 -4.70
CA LEU A 332 2.99 -0.76 -4.94
C LEU A 332 3.65 -2.03 -4.43
N ARG A 333 2.93 -2.97 -3.82
CA ARG A 333 3.60 -4.18 -3.42
C ARG A 333 4.00 -4.98 -4.66
N VAL A 334 5.19 -5.59 -4.60
CA VAL A 334 5.92 -6.26 -5.69
C VAL A 334 5.79 -5.51 -7.02
N ASN A 335 5.73 -4.18 -6.97
CA ASN A 335 5.46 -3.35 -8.14
C ASN A 335 6.60 -2.33 -8.30
N THR A 336 7.79 -2.82 -8.69
CA THR A 336 8.92 -1.91 -8.82
C THR A 336 8.79 -1.00 -10.03
N LEU A 337 8.08 -1.45 -11.07
CA LEU A 337 7.79 -0.58 -12.22
C LEU A 337 7.16 0.73 -11.77
N SER A 338 6.08 0.65 -11.00
CA SER A 338 5.40 1.87 -10.58
C SER A 338 6.25 2.68 -9.61
N MET A 339 7.00 2.03 -8.73
CA MET A 339 7.85 2.79 -7.81
C MET A 339 8.91 3.60 -8.56
N LYS A 340 9.56 2.97 -9.55
CA LYS A 340 10.59 3.67 -10.31
C LYS A 340 9.99 4.77 -11.17
N LEU A 341 8.80 4.53 -11.74
CA LEU A 341 8.13 5.57 -12.50
C LEU A 341 7.80 6.76 -11.62
N LEU A 342 7.26 6.50 -10.41
CA LEU A 342 6.99 7.59 -9.47
C LEU A 342 8.26 8.35 -9.10
N ALA A 343 9.33 7.61 -8.75
CA ALA A 343 10.58 8.24 -8.38
C ALA A 343 11.10 9.14 -9.50
N TYR A 344 11.13 8.60 -10.72
CA TYR A 344 11.63 9.37 -11.84
C TYR A 344 10.72 10.56 -12.14
N ALA A 345 9.40 10.32 -12.19
CA ALA A 345 8.46 11.37 -12.60
C ALA A 345 8.46 12.51 -11.59
N LEU A 346 8.35 12.19 -10.30
CA LEU A 346 8.37 13.23 -9.28
C LEU A 346 9.63 14.08 -9.36
N ASP A 347 10.79 13.45 -9.52
CA ASP A 347 12.04 14.20 -9.62
C ASP A 347 12.09 15.00 -10.91
N TYR A 348 11.70 14.41 -12.04
CA TYR A 348 11.80 15.12 -13.31
C TYR A 348 10.83 16.31 -13.36
N TRP A 349 9.56 16.08 -13.08
CA TRP A 349 8.59 17.16 -13.26
C TRP A 349 8.68 18.22 -12.18
N SER A 350 9.28 17.93 -11.03
CA SER A 350 9.45 18.94 -9.99
C SER A 350 10.78 19.66 -10.10
N LYS A 351 11.58 19.38 -11.14
CA LYS A 351 12.91 19.95 -11.29
C LYS A 351 13.76 19.68 -10.04
N GLY A 352 13.56 18.51 -9.45
CA GLY A 352 14.35 18.12 -8.29
C GLY A 352 13.87 18.65 -6.96
N GLN A 353 12.73 19.33 -6.91
CA GLN A 353 12.23 19.92 -5.68
C GLN A 353 11.54 18.89 -4.78
N LEU A 354 11.03 17.80 -5.34
CA LEU A 354 10.33 16.78 -4.57
C LEU A 354 11.08 15.46 -4.67
N LYS A 355 10.96 14.65 -3.62
CA LYS A 355 11.55 13.32 -3.59
C LYS A 355 10.47 12.30 -3.26
N ALA A 356 10.40 11.23 -4.05
CA ALA A 356 9.46 10.12 -3.78
C ALA A 356 10.07 9.18 -2.75
N LEU A 357 9.36 8.96 -1.65
CA LEU A 357 9.79 8.06 -0.58
C LEU A 357 8.86 6.86 -0.54
N PHE A 358 9.41 5.72 -0.11
CA PHE A 358 8.69 4.46 -0.05
C PHE A 358 8.96 3.81 1.30
N LEU A 359 8.08 2.90 1.70
CA LEU A 359 8.19 2.25 3.01
C LEU A 359 8.04 0.75 2.86
N GLU A 360 8.88 0.00 3.57
CA GLU A 360 8.88 -1.45 3.45
C GLU A 360 7.55 -2.07 3.88
N HIS A 361 6.87 -1.48 4.87
CA HIS A 361 5.63 -2.06 5.37
C HIS A 361 4.40 -1.38 4.79
N GLU A 362 4.51 -0.97 3.51
CA GLU A 362 3.60 0.03 2.93
C GLU A 362 2.12 -0.35 3.00
N GLY A 363 1.79 -1.63 2.92
CA GLY A 363 0.37 -1.95 2.96
C GLY A 363 -0.27 -2.06 4.34
N TYR A 364 0.53 -2.06 5.41
CA TYR A 364 0.07 -2.55 6.71
C TYR A 364 -0.06 -1.49 7.79
N PHE A 365 0.16 -0.20 7.48
CA PHE A 365 0.23 0.77 8.57
C PHE A 365 -1.10 0.93 9.29
N GLY A 366 -2.22 0.90 8.56
CA GLY A 366 -3.52 0.95 9.20
C GLY A 366 -3.73 -0.18 10.21
N ALA A 367 -3.35 -1.40 9.83
CA ALA A 367 -3.53 -2.53 10.72
C ALA A 367 -2.66 -2.40 11.97
N VAL A 368 -1.44 -1.88 11.83
CA VAL A 368 -0.60 -1.63 12.99
C VAL A 368 -1.19 -0.53 13.85
N GLY A 369 -1.65 0.56 13.22
CA GLY A 369 -2.25 1.64 13.99
C GLY A 369 -3.45 1.18 14.79
N ALA A 370 -4.27 0.29 14.21
CA ALA A 370 -5.40 -0.27 14.94
C ALA A 370 -4.91 -1.06 16.15
N LEU A 371 -3.93 -1.95 15.94
CA LEU A 371 -3.36 -2.69 17.06
C LEU A 371 -2.88 -1.75 18.16
N LEU A 372 -2.26 -0.63 17.78
CA LEU A 372 -1.77 0.31 18.78
C LEU A 372 -2.90 0.98 19.58
N GLY A 373 -4.14 0.94 19.10
CA GLY A 373 -5.25 1.47 19.87
C GLY A 373 -5.73 0.60 20.99
N LEU A 374 -5.18 -0.61 21.12
CA LEU A 374 -5.65 -1.58 22.10
C LEU A 374 -5.63 -1.07 23.54
N PRO A 375 -4.60 -0.36 24.02
CA PRO A 375 -4.61 0.09 25.43
C PRO A 375 -5.78 0.99 25.78
N ASN A 376 -6.40 1.65 24.79
CA ASN A 376 -7.53 2.52 25.09
C ASN A 376 -8.82 1.75 25.39
N PHE A 377 -8.77 0.42 25.36
CA PHE A 377 -9.96 -0.40 25.59
C PHE A 377 -9.66 -1.54 26.56
#